data_1EXP
#
_entry.id   1EXP
#
_cell.length_a   88.172
_cell.length_b   88.172
_cell.length_c   81.097
_cell.angle_alpha   90.00
_cell.angle_beta   90.00
_cell.angle_gamma   90.00
#
_symmetry.space_group_name_H-M   'P 41 21 2'
#
loop_
_entity.id
_entity.type
_entity.pdbx_description
1 polymer 'BETA-1,4-D-GLYCANASE CEX-CD'
2 branched beta-D-glucopyranose-(1-4)-2-deoxy-2-fluoro-alpha-D-glucopyranose
3 water water
#
_entity_poly.entity_id   1
_entity_poly.type   'polypeptide(L)'
_entity_poly.pdbx_seq_one_letter_code
;ATTLKEAADGAGRDFGFALDPNRLSEAQYKAIADSEFNLVVAENAMKWDATEPSQNSFSFGAGDRVASYAADTGKELYGH
TLVWHSQLPDWAKNLNGSAFESAMVNHVTKVADHFEGKVASWDVVNEAFADGGGRRQDSAFQQKLGNGYIETAFRAARAA
DPTAKLCINDYNVEGINAKSNSLYDLVKDFKARGVPLDCVGFQSHLIVGQVPGDFRQNLQRFADLGVDVRITELDIRMRT
PSDATKLATQAADYKKVVQACMQVTRCQGVTVWGITDKYSWVPDVFPGEGAALVWDASYAKKPAYAAVMEAF
;
_entity_poly.pdbx_strand_id   A
#
loop_
_chem_comp.id
_chem_comp.type
_chem_comp.name
_chem_comp.formula
BGC D-saccharide, beta linking beta-D-glucopyranose 'C6 H12 O6'
G2F D-saccharide, alpha linking 2-deoxy-2-fluoro-alpha-D-glucopyranose 'C6 H11 F O5'
#
# COMPACT_ATOMS: atom_id res chain seq x y z
N ALA A 1 -17.25 -15.75 -12.55
CA ALA A 1 -16.30 -16.07 -11.44
C ALA A 1 -17.09 -16.32 -10.15
N THR A 2 -16.47 -16.97 -9.17
CA THR A 2 -17.15 -17.27 -7.91
C THR A 2 -16.34 -16.75 -6.70
N THR A 3 -15.15 -16.22 -6.98
CA THR A 3 -14.31 -15.63 -5.95
C THR A 3 -13.77 -14.38 -6.63
N LEU A 4 -13.35 -13.43 -5.81
CA LEU A 4 -12.81 -12.19 -6.32
C LEU A 4 -11.50 -12.49 -7.02
N LYS A 5 -10.80 -13.52 -6.53
CA LYS A 5 -9.55 -13.93 -7.15
C LYS A 5 -9.81 -14.23 -8.60
N GLU A 6 -10.87 -14.96 -8.89
CA GLU A 6 -11.17 -15.34 -10.29
C GLU A 6 -11.56 -14.17 -11.17
N ALA A 7 -12.33 -13.25 -10.58
CA ALA A 7 -12.76 -12.04 -11.27
C ALA A 7 -11.53 -11.18 -11.60
N ALA A 8 -10.65 -10.92 -10.63
CA ALA A 8 -9.43 -10.15 -10.91
C ALA A 8 -8.51 -10.89 -11.86
N ASP A 9 -8.42 -12.21 -11.71
CA ASP A 9 -7.56 -13.00 -12.62
C ASP A 9 -7.99 -12.80 -14.07
N GLY A 10 -9.27 -12.96 -14.33
CA GLY A 10 -9.78 -12.78 -15.69
C GLY A 10 -9.61 -11.35 -16.19
N ALA A 11 -9.62 -10.39 -15.28
CA ALA A 11 -9.43 -8.99 -15.68
C ALA A 11 -7.96 -8.69 -15.93
N GLY A 12 -7.10 -9.66 -15.66
CA GLY A 12 -5.68 -9.41 -15.84
C GLY A 12 -5.13 -8.49 -14.78
N ARG A 13 -5.78 -8.46 -13.63
CA ARG A 13 -5.37 -7.58 -12.55
C ARG A 13 -5.11 -8.23 -11.20
N ASP A 14 -4.52 -7.43 -10.32
CA ASP A 14 -4.24 -7.82 -8.94
C ASP A 14 -5.36 -7.42 -8.01
N PHE A 15 -5.60 -8.28 -7.04
CA PHE A 15 -6.56 -8.06 -5.99
C PHE A 15 -5.86 -8.64 -4.78
N GLY A 16 -5.39 -7.78 -3.91
CA GLY A 16 -4.66 -8.21 -2.74
C GLY A 16 -5.20 -7.82 -1.41
N PHE A 17 -4.54 -8.30 -0.35
CA PHE A 17 -4.92 -7.97 1.01
C PHE A 17 -3.71 -7.84 1.88
N ALA A 18 -3.87 -7.09 2.96
CA ALA A 18 -2.85 -6.84 3.99
C ALA A 18 -2.94 -8.01 4.97
N LEU A 19 -1.86 -8.80 4.99
CA LEU A 19 -1.77 -10.01 5.83
C LEU A 19 -1.11 -9.81 7.18
N ASP A 20 -1.74 -10.30 8.26
CA ASP A 20 -1.13 -10.31 9.59
C ASP A 20 -0.81 -11.83 9.69
N PRO A 21 0.46 -12.24 9.65
CA PRO A 21 0.79 -13.68 9.73
C PRO A 21 0.20 -14.43 10.92
N ASN A 22 0.06 -13.75 12.05
CA ASN A 22 -0.48 -14.37 13.24
C ASN A 22 -1.92 -14.84 13.11
N ARG A 23 -2.61 -14.38 12.07
CA ARG A 23 -4.01 -14.76 11.90
C ARG A 23 -4.22 -16.02 11.11
N LEU A 24 -3.19 -16.47 10.43
CA LEU A 24 -3.27 -17.67 9.59
C LEU A 24 -3.71 -18.92 10.37
N SER A 25 -3.69 -18.82 11.69
CA SER A 25 -4.09 -19.93 12.56
C SER A 25 -5.60 -19.92 12.85
N GLU A 26 -6.33 -18.99 12.23
CA GLU A 26 -7.79 -18.89 12.39
C GLU A 26 -8.30 -19.38 11.06
N ALA A 27 -8.95 -20.53 11.06
CA ALA A 27 -9.41 -21.18 9.82
C ALA A 27 -10.21 -20.34 8.85
N GLN A 28 -11.13 -19.54 9.38
CA GLN A 28 -11.95 -18.72 8.50
C GLN A 28 -11.06 -17.66 7.88
N TYR A 29 -10.12 -17.13 8.64
CA TYR A 29 -9.24 -16.11 8.09
C TYR A 29 -8.44 -16.72 6.97
N LYS A 30 -7.79 -17.85 7.24
CA LYS A 30 -7.02 -18.49 6.18
C LYS A 30 -7.81 -18.90 4.97
N ALA A 31 -9.03 -19.39 5.18
CA ALA A 31 -9.87 -19.85 4.09
C ALA A 31 -10.12 -18.72 3.09
N ILE A 32 -10.42 -17.55 3.62
CA ILE A 32 -10.69 -16.38 2.77
C ILE A 32 -9.41 -15.93 2.12
N ALA A 33 -8.34 -15.82 2.91
CA ALA A 33 -7.04 -15.42 2.33
C ALA A 33 -6.61 -16.34 1.17
N ASP A 34 -6.78 -17.64 1.34
CA ASP A 34 -6.40 -18.58 0.27
C ASP A 34 -7.22 -18.44 -0.97
N SER A 35 -8.53 -18.27 -0.81
CA SER A 35 -9.46 -18.26 -1.92
C SER A 35 -9.75 -16.99 -2.67
N GLU A 36 -9.71 -15.85 -1.98
CA GLU A 36 -10.14 -14.58 -2.63
C GLU A 36 -9.15 -13.59 -3.18
N PHE A 37 -7.85 -13.80 -2.97
CA PHE A 37 -6.89 -12.83 -3.42
C PHE A 37 -5.81 -13.46 -4.22
N ASN A 38 -5.15 -12.65 -5.04
CA ASN A 38 -4.04 -13.16 -5.82
C ASN A 38 -2.78 -12.39 -5.50
N LEU A 39 -2.84 -11.53 -4.49
CA LEU A 39 -1.64 -10.78 -4.13
C LEU A 39 -1.69 -10.60 -2.63
N VAL A 40 -0.54 -10.44 -2.01
CA VAL A 40 -0.49 -10.33 -0.56
C VAL A 40 0.59 -9.32 -0.18
N VAL A 41 0.35 -8.52 0.88
CA VAL A 41 1.36 -7.56 1.28
C VAL A 41 1.40 -7.67 2.78
N ALA A 42 2.53 -7.43 3.40
CA ALA A 42 2.57 -7.56 4.84
C ALA A 42 1.99 -6.27 5.48
N GLU A 43 1.03 -6.44 6.37
CA GLU A 43 0.43 -5.29 7.06
C GLU A 43 1.49 -4.59 7.89
N ASN A 44 2.27 -5.35 8.68
CA ASN A 44 3.30 -4.78 9.52
C ASN A 44 4.68 -5.43 9.50
N ALA A 45 4.72 -6.69 9.08
CA ALA A 45 5.95 -7.51 9.06
C ALA A 45 7.16 -7.02 8.31
N MET A 46 7.00 -6.10 7.35
CA MET A 46 8.12 -5.63 6.56
C MET A 46 8.55 -4.17 6.75
N LYS A 47 7.95 -3.50 7.72
CA LYS A 47 8.31 -2.11 8.00
C LYS A 47 9.63 -2.09 8.73
N TRP A 48 10.15 -0.89 8.96
CA TRP A 48 11.45 -0.69 9.62
C TRP A 48 11.52 -1.20 11.04
N ASP A 49 10.49 -0.91 11.85
CA ASP A 49 10.51 -1.38 13.22
C ASP A 49 10.52 -2.91 13.38
N ALA A 50 9.92 -3.64 12.44
CA ALA A 50 9.86 -5.09 12.54
C ALA A 50 11.03 -5.78 11.90
N THR A 51 11.80 -5.06 11.10
CA THR A 51 12.93 -5.65 10.40
C THR A 51 14.31 -5.25 10.93
N GLU A 52 14.44 -4.06 11.54
CA GLU A 52 15.73 -3.64 12.07
C GLU A 52 15.46 -2.96 13.41
N PRO A 53 14.95 -3.74 14.37
CA PRO A 53 14.59 -3.35 15.73
C PRO A 53 15.71 -2.70 16.49
N SER A 54 16.92 -2.89 16.01
CA SER A 54 18.10 -2.32 16.63
C SER A 54 19.06 -2.12 15.48
N GLN A 55 19.90 -1.10 15.55
CA GLN A 55 20.81 -0.86 14.45
C GLN A 55 21.61 -2.08 14.04
N ASN A 56 21.55 -2.36 12.75
CA ASN A 56 22.22 -3.48 12.12
C ASN A 56 21.83 -4.87 12.55
N SER A 57 20.75 -5.01 13.32
CA SER A 57 20.27 -6.33 13.75
C SER A 57 18.94 -6.60 13.10
N PHE A 58 18.98 -7.31 11.98
CA PHE A 58 17.79 -7.62 11.24
C PHE A 58 17.03 -8.82 11.75
N SER A 59 15.72 -8.69 11.72
CA SER A 59 14.83 -9.70 12.18
C SER A 59 13.88 -9.98 11.04
N PHE A 60 14.16 -11.01 10.24
CA PHE A 60 13.30 -11.30 9.11
C PHE A 60 12.23 -12.36 9.32
N GLY A 61 12.05 -12.79 10.57
CA GLY A 61 11.07 -13.81 10.83
C GLY A 61 9.66 -13.58 10.31
N ALA A 62 9.00 -12.55 10.81
CA ALA A 62 7.62 -12.22 10.42
C ALA A 62 7.56 -11.95 8.93
N GLY A 63 8.59 -11.29 8.41
CA GLY A 63 8.63 -10.99 6.99
C GLY A 63 8.71 -12.25 6.14
N ASP A 64 9.60 -13.16 6.53
CA ASP A 64 9.70 -14.43 5.81
C ASP A 64 8.39 -15.22 5.88
N ARG A 65 7.73 -15.20 7.03
CA ARG A 65 6.47 -15.91 7.14
C ARG A 65 5.49 -15.42 6.07
N VAL A 66 5.46 -14.10 5.82
CA VAL A 66 4.55 -13.58 4.77
C VAL A 66 5.05 -13.94 3.40
N ALA A 67 6.37 -13.87 3.20
CA ALA A 67 6.88 -14.23 1.89
C ALA A 67 6.65 -15.72 1.59
N SER A 68 6.70 -16.55 2.61
CA SER A 68 6.47 -18.01 2.42
C SER A 68 5.03 -18.23 2.09
N TYR A 69 4.14 -17.56 2.83
CA TYR A 69 2.74 -17.74 2.53
C TYR A 69 2.40 -17.47 1.06
N ALA A 70 2.92 -16.38 0.52
CA ALA A 70 2.67 -16.02 -0.86
C ALA A 70 3.17 -17.12 -1.82
N ALA A 71 4.44 -17.52 -1.67
CA ALA A 71 5.05 -18.54 -2.53
C ALA A 71 4.28 -19.86 -2.45
N ASP A 72 3.88 -20.23 -1.25
CA ASP A 72 3.13 -21.48 -1.07
C ASP A 72 1.74 -21.50 -1.66
N THR A 73 1.09 -20.34 -1.72
CA THR A 73 -0.25 -20.30 -2.26
C THR A 73 -0.31 -19.72 -3.66
N GLY A 74 0.83 -19.42 -4.26
CA GLY A 74 0.88 -18.91 -5.61
C GLY A 74 0.46 -17.44 -5.76
N LYS A 75 0.53 -16.66 -4.69
CA LYS A 75 0.14 -15.22 -4.76
C LYS A 75 1.32 -14.32 -5.03
N GLU A 76 1.07 -13.18 -5.68
CA GLU A 76 2.12 -12.19 -5.90
C GLU A 76 2.39 -11.54 -4.53
N LEU A 77 3.62 -11.08 -4.34
CA LEU A 77 4.02 -10.46 -3.07
C LEU A 77 4.42 -9.02 -3.31
N TYR A 78 3.80 -8.10 -2.58
CA TYR A 78 4.07 -6.65 -2.63
C TYR A 78 4.80 -6.27 -1.34
N GLY A 79 5.87 -5.46 -1.44
CA GLY A 79 6.63 -5.08 -0.28
C GLY A 79 6.26 -3.75 0.36
N HIS A 80 6.09 -3.76 1.67
CA HIS A 80 5.74 -2.52 2.38
C HIS A 80 6.38 -2.51 3.74
N THR A 81 7.28 -1.57 4.09
CA THR A 81 7.73 -0.47 3.22
C THR A 81 9.13 -0.09 3.66
N LEU A 82 9.95 0.29 2.71
CA LEU A 82 11.33 0.62 3.03
C LEU A 82 11.59 1.91 3.82
N VAL A 83 11.16 3.06 3.31
CA VAL A 83 11.41 4.33 4.02
C VAL A 83 10.03 4.93 4.41
N TRP A 84 9.86 5.26 5.67
CA TRP A 84 8.58 5.78 6.13
C TRP A 84 8.81 6.46 7.44
N HIS A 85 8.27 7.66 7.61
CA HIS A 85 8.46 8.39 8.87
C HIS A 85 7.84 7.75 10.12
N SER A 86 6.74 7.01 10.00
CA SER A 86 6.14 6.40 11.19
C SER A 86 6.77 5.04 11.41
N GLN A 87 6.61 4.52 12.62
CA GLN A 87 7.14 3.21 12.99
C GLN A 87 8.63 3.15 12.71
N LEU A 88 9.31 4.25 13.06
CA LEU A 88 10.75 4.35 12.88
C LEU A 88 11.33 4.19 14.28
N PRO A 89 12.12 3.14 14.53
CA PRO A 89 12.68 2.97 15.87
C PRO A 89 13.56 4.13 16.36
N ASP A 90 13.51 4.39 17.66
CA ASP A 90 14.27 5.47 18.26
C ASP A 90 15.75 5.56 17.92
N TRP A 91 16.42 4.43 17.72
CA TRP A 91 17.84 4.49 17.40
C TRP A 91 18.04 5.26 16.10
N ALA A 92 17.12 5.08 15.16
CA ALA A 92 17.20 5.76 13.88
C ALA A 92 16.89 7.25 14.09
N LYS A 93 15.83 7.52 14.84
CA LYS A 93 15.44 8.89 15.13
C LYS A 93 16.57 9.68 15.80
N ASN A 94 17.46 8.99 16.51
CA ASN A 94 18.56 9.66 17.20
C ASN A 94 19.78 9.86 16.32
N LEU A 95 19.79 9.25 15.15
CA LEU A 95 20.93 9.38 14.23
C LEU A 95 20.89 10.72 13.52
N ASN A 96 22.06 11.23 13.17
CA ASN A 96 22.15 12.52 12.49
C ASN A 96 23.11 12.61 11.32
N GLY A 97 22.76 13.44 10.36
CA GLY A 97 23.60 13.65 9.19
C GLY A 97 23.93 12.40 8.40
N SER A 98 25.14 12.38 7.85
CA SER A 98 25.65 11.27 7.06
C SER A 98 25.42 9.94 7.73
N ALA A 99 25.55 9.91 9.05
CA ALA A 99 25.34 8.69 9.81
C ALA A 99 23.92 8.17 9.55
N PHE A 100 22.94 9.08 9.68
CA PHE A 100 21.54 8.79 9.46
C PHE A 100 21.37 8.31 8.02
N GLU A 101 22.03 9.01 7.09
CA GLU A 101 21.94 8.64 5.69
C GLU A 101 22.48 7.22 5.45
N SER A 102 23.53 6.84 6.16
CA SER A 102 24.10 5.50 6.02
C SER A 102 23.16 4.44 6.56
N ALA A 103 22.50 4.73 7.67
CA ALA A 103 21.55 3.80 8.28
C ALA A 103 20.40 3.58 7.31
N MET A 104 19.96 4.65 6.67
CA MET A 104 18.88 4.53 5.72
C MET A 104 19.33 3.70 4.51
N VAL A 105 20.47 4.02 3.91
CA VAL A 105 20.97 3.29 2.74
C VAL A 105 21.17 1.80 3.07
N ASN A 106 21.70 1.52 4.23
CA ASN A 106 21.92 0.13 4.68
C ASN A 106 20.57 -0.60 4.89
N HIS A 107 19.57 0.06 5.49
CA HIS A 107 18.29 -0.59 5.74
C HIS A 107 17.65 -0.96 4.42
N VAL A 108 17.71 -0.03 3.46
CA VAL A 108 17.14 -0.22 2.13
C VAL A 108 17.88 -1.36 1.40
N THR A 109 19.20 -1.38 1.54
CA THR A 109 20.05 -2.37 0.90
C THR A 109 19.83 -3.77 1.46
N LYS A 110 19.87 -3.91 2.78
CA LYS A 110 19.69 -5.21 3.41
C LYS A 110 18.30 -5.79 3.22
N VAL A 111 17.29 -4.99 3.53
CA VAL A 111 15.93 -5.48 3.39
C VAL A 111 15.61 -5.81 1.96
N ALA A 112 16.01 -4.97 0.99
CA ALA A 112 15.73 -5.27 -0.43
C ALA A 112 16.51 -6.55 -0.88
N ASP A 113 17.76 -6.64 -0.48
CA ASP A 113 18.57 -7.81 -0.85
C ASP A 113 17.97 -9.09 -0.30
N HIS A 114 17.53 -9.07 0.95
CA HIS A 114 16.96 -10.26 1.56
C HIS A 114 15.73 -10.80 0.88
N PHE A 115 14.92 -9.93 0.27
CA PHE A 115 13.71 -10.37 -0.37
C PHE A 115 13.81 -10.39 -1.87
N GLU A 116 15.02 -10.15 -2.40
CA GLU A 116 15.24 -10.10 -3.83
C GLU A 116 14.72 -11.35 -4.49
N GLY A 117 13.92 -11.16 -5.54
CA GLY A 117 13.30 -12.23 -6.31
C GLY A 117 12.04 -12.79 -5.70
N LYS A 118 11.67 -12.31 -4.52
CA LYS A 118 10.45 -12.76 -3.85
C LYS A 118 9.38 -11.61 -3.91
N VAL A 119 9.82 -10.42 -3.55
CA VAL A 119 8.96 -9.22 -3.59
C VAL A 119 8.93 -8.76 -5.05
N ALA A 120 7.74 -8.56 -5.64
CA ALA A 120 7.68 -8.13 -7.05
C ALA A 120 7.74 -6.58 -7.17
N SER A 121 7.23 -5.88 -6.17
CA SER A 121 7.18 -4.39 -6.15
C SER A 121 7.36 -3.95 -4.72
N TRP A 122 7.99 -2.78 -4.53
CA TRP A 122 8.20 -2.29 -3.19
C TRP A 122 7.66 -0.85 -3.09
N ASP A 123 7.18 -0.48 -1.91
CA ASP A 123 6.85 0.94 -1.63
C ASP A 123 8.22 1.32 -1.10
N VAL A 124 9.04 1.98 -1.90
CA VAL A 124 10.37 2.40 -1.41
C VAL A 124 10.23 3.57 -0.43
N VAL A 125 9.37 4.54 -0.79
CA VAL A 125 9.14 5.69 0.07
C VAL A 125 7.66 5.80 0.18
N ASN A 126 7.19 6.03 1.39
CA ASN A 126 5.75 6.10 1.64
C ASN A 126 5.45 7.39 2.44
N GLU A 127 4.45 8.14 1.99
CA GLU A 127 4.00 9.33 2.75
C GLU A 127 4.98 10.45 2.86
N ALA A 128 5.61 10.77 1.74
CA ALA A 128 6.61 11.83 1.72
C ALA A 128 5.98 13.25 1.61
N PHE A 129 4.72 13.32 1.19
CA PHE A 129 4.09 14.62 0.99
C PHE A 129 3.14 15.10 2.06
N ALA A 130 2.94 16.41 2.11
CA ALA A 130 2.09 17.00 3.15
C ALA A 130 0.75 17.34 2.53
N ASP A 131 -0.30 17.14 3.31
CA ASP A 131 -1.64 17.47 2.86
C ASP A 131 -1.51 18.97 2.64
N GLY A 132 -2.09 19.49 1.58
CA GLY A 132 -1.96 20.92 1.35
C GLY A 132 -0.86 21.21 0.37
N GLY A 133 0.07 20.27 0.17
CA GLY A 133 1.14 20.49 -0.79
C GLY A 133 2.49 20.54 -0.13
N GLY A 134 3.52 20.34 -0.93
CA GLY A 134 4.89 20.34 -0.43
C GLY A 134 5.28 19.06 0.30
N ARG A 135 6.47 19.06 0.89
CA ARG A 135 7.03 17.92 1.61
C ARG A 135 6.50 17.80 3.01
N ARG A 136 6.42 16.58 3.52
CA ARG A 136 5.95 16.36 4.88
C ARG A 136 7.01 16.97 5.79
N GLN A 137 6.60 17.77 6.77
CA GLN A 137 7.55 18.44 7.66
C GLN A 137 7.90 17.67 8.91
N ASP A 138 6.98 16.82 9.38
CA ASP A 138 7.22 16.03 10.58
C ASP A 138 7.94 14.69 10.35
N SER A 139 8.68 14.61 9.25
CA SER A 139 9.42 13.39 8.87
C SER A 139 10.90 13.49 9.19
N ALA A 140 11.45 12.53 9.91
CA ALA A 140 12.87 12.58 10.24
C ALA A 140 13.74 12.56 8.98
N PHE A 141 13.27 11.93 7.91
CA PHE A 141 14.05 11.86 6.67
C PHE A 141 14.13 13.23 6.01
N GLN A 142 13.00 13.92 5.96
CA GLN A 142 12.97 15.26 5.38
C GLN A 142 13.79 16.22 6.22
N GLN A 143 13.58 16.22 7.54
CA GLN A 143 14.34 17.09 8.40
C GLN A 143 15.84 16.87 8.29
N LYS A 144 16.28 15.67 8.64
CA LYS A 144 17.70 15.38 8.63
C LYS A 144 18.38 15.39 7.27
N LEU A 145 17.69 14.97 6.22
CA LEU A 145 18.33 14.89 4.90
C LEU A 145 17.93 15.89 3.82
N GLY A 146 16.85 16.63 4.03
CA GLY A 146 16.43 17.55 3.00
C GLY A 146 15.71 16.83 1.90
N ASN A 147 15.53 17.50 0.76
CA ASN A 147 14.76 16.96 -0.37
C ASN A 147 15.29 15.77 -1.14
N GLY A 148 16.60 15.62 -1.23
CA GLY A 148 17.16 14.53 -2.00
C GLY A 148 17.06 13.12 -1.45
N TYR A 149 16.53 12.91 -0.24
CA TYR A 149 16.47 11.55 0.32
C TYR A 149 15.65 10.55 -0.47
N ILE A 150 14.59 11.01 -1.13
CA ILE A 150 13.72 10.14 -1.92
C ILE A 150 14.50 9.52 -3.07
N GLU A 151 15.22 10.37 -3.81
CA GLU A 151 16.03 9.94 -4.95
C GLU A 151 17.11 8.94 -4.48
N THR A 152 17.73 9.20 -3.32
CA THR A 152 18.74 8.32 -2.75
C THR A 152 18.13 6.94 -2.46
N ALA A 153 16.90 6.90 -1.93
CA ALA A 153 16.24 5.65 -1.60
C ALA A 153 16.01 4.82 -2.85
N PHE A 154 15.46 5.44 -3.89
CA PHE A 154 15.19 4.76 -5.11
C PHE A 154 16.47 4.27 -5.75
N ARG A 155 17.52 5.08 -5.77
CA ARG A 155 18.77 4.63 -6.37
C ARG A 155 19.37 3.44 -5.60
N ALA A 156 19.34 3.50 -4.28
CA ALA A 156 19.86 2.42 -3.42
C ALA A 156 19.04 1.13 -3.54
N ALA A 157 17.70 1.25 -3.65
CA ALA A 157 16.82 0.08 -3.80
C ALA A 157 17.08 -0.56 -5.17
N ARG A 158 17.21 0.25 -6.22
CA ARG A 158 17.46 -0.30 -7.56
C ARG A 158 18.81 -1.03 -7.61
N ALA A 159 19.77 -0.54 -6.85
CA ALA A 159 21.07 -1.20 -6.85
C ALA A 159 21.02 -2.57 -6.14
N ALA A 160 20.19 -2.68 -5.09
CA ALA A 160 20.04 -3.94 -4.35
C ALA A 160 19.11 -4.94 -5.01
N ASP A 161 18.19 -4.45 -5.83
CA ASP A 161 17.25 -5.31 -6.50
C ASP A 161 16.94 -4.76 -7.86
N PRO A 162 17.67 -5.23 -8.87
CA PRO A 162 17.59 -4.88 -10.29
C PRO A 162 16.25 -4.96 -10.99
N THR A 163 15.36 -5.82 -10.50
CA THR A 163 14.09 -6.04 -11.16
C THR A 163 12.79 -5.69 -10.45
N ALA A 164 12.80 -5.60 -9.11
CA ALA A 164 11.56 -5.26 -8.38
C ALA A 164 11.01 -3.91 -8.92
N LYS A 165 9.71 -3.79 -9.03
CA LYS A 165 9.11 -2.50 -9.47
C LYS A 165 9.28 -1.59 -8.24
N LEU A 166 9.79 -0.38 -8.44
CA LEU A 166 10.02 0.52 -7.30
C LEU A 166 8.92 1.60 -7.28
N CYS A 167 8.13 1.67 -6.20
CA CYS A 167 7.01 2.64 -6.13
C CYS A 167 7.13 3.60 -4.98
N ILE A 168 6.46 4.77 -5.14
CA ILE A 168 6.34 5.80 -4.13
C ILE A 168 4.85 5.68 -3.80
N ASN A 169 4.49 5.78 -2.54
CA ASN A 169 3.09 5.60 -2.12
C ASN A 169 2.59 6.73 -1.21
N ASP A 170 1.31 7.07 -1.30
CA ASP A 170 0.76 8.12 -0.41
C ASP A 170 -0.77 8.06 -0.25
N TYR A 171 -1.31 8.86 0.67
CA TYR A 171 -2.76 8.92 0.89
C TYR A 171 -3.25 10.34 0.56
N ASN A 172 -4.55 10.50 0.33
CA ASN A 172 -5.08 11.84 0.01
C ASN A 172 -4.44 12.39 -1.24
N VAL A 173 -4.17 11.49 -2.19
CA VAL A 173 -3.60 11.90 -3.46
C VAL A 173 -4.45 11.27 -4.52
N GLU A 174 -5.64 10.85 -4.11
CA GLU A 174 -6.57 10.17 -4.98
C GLU A 174 -7.19 11.12 -5.97
N GLY A 175 -7.56 12.31 -5.52
CA GLY A 175 -8.15 13.28 -6.42
C GLY A 175 -7.11 14.30 -6.78
N ILE A 176 -7.41 15.14 -7.77
CA ILE A 176 -6.48 16.17 -8.19
C ILE A 176 -6.57 17.24 -7.11
N ASN A 177 -5.44 17.48 -6.45
CA ASN A 177 -5.37 18.46 -5.39
C ASN A 177 -3.95 18.86 -5.19
N ALA A 178 -3.68 19.66 -4.16
CA ALA A 178 -2.33 20.13 -3.94
C ALA A 178 -1.31 19.04 -3.58
N LYS A 179 -1.77 18.00 -2.91
CA LYS A 179 -0.88 16.90 -2.51
C LYS A 179 -0.57 16.05 -3.76
N SER A 180 -1.58 15.67 -4.53
CA SER A 180 -1.32 14.85 -5.71
C SER A 180 -0.58 15.63 -6.77
N ASN A 181 -0.71 16.97 -6.72
CA ASN A 181 -0.01 17.81 -7.67
C ASN A 181 1.46 17.80 -7.39
N SER A 182 1.85 17.83 -6.10
CA SER A 182 3.26 17.85 -5.75
C SER A 182 3.84 16.45 -6.09
N LEU A 183 3.02 15.44 -5.83
CA LEU A 183 3.38 14.05 -6.11
C LEU A 183 3.69 13.98 -7.62
N TYR A 184 2.75 14.45 -8.45
CA TYR A 184 2.89 14.46 -9.90
C TYR A 184 4.14 15.15 -10.39
N ASP A 185 4.50 16.27 -9.75
CA ASP A 185 5.70 16.99 -10.18
C ASP A 185 6.96 16.17 -9.92
N LEU A 186 6.99 15.50 -8.77
CA LEU A 186 8.15 14.66 -8.39
C LEU A 186 8.31 13.47 -9.35
N VAL A 187 7.21 12.82 -9.71
CA VAL A 187 7.30 11.68 -10.62
C VAL A 187 7.80 12.15 -11.99
N LYS A 188 7.26 13.29 -12.45
CA LYS A 188 7.66 13.85 -13.73
C LYS A 188 9.15 14.15 -13.73
N ASP A 189 9.64 14.68 -12.62
CA ASP A 189 11.02 15.02 -12.49
C ASP A 189 11.89 13.75 -12.53
N PHE A 190 11.49 12.75 -11.74
CA PHE A 190 12.24 11.50 -11.67
C PHE A 190 12.36 10.84 -13.03
N LYS A 191 11.25 10.75 -13.75
CA LYS A 191 11.23 10.15 -15.08
C LYS A 191 12.09 10.94 -16.06
N ALA A 192 12.03 12.27 -15.99
CA ALA A 192 12.83 13.11 -16.88
C ALA A 192 14.33 12.90 -16.67
N ARG A 193 14.74 12.81 -15.41
CA ARG A 193 16.14 12.61 -15.04
C ARG A 193 16.63 11.16 -14.92
N GLY A 194 15.76 10.20 -15.19
CA GLY A 194 16.14 8.81 -15.10
C GLY A 194 16.31 8.25 -13.70
N VAL A 195 15.66 8.84 -12.68
CA VAL A 195 15.75 8.30 -11.34
C VAL A 195 14.89 7.01 -11.41
N PRO A 196 15.39 5.87 -10.92
CA PRO A 196 14.57 4.66 -11.02
C PRO A 196 13.26 4.75 -10.20
N LEU A 197 12.13 4.70 -10.88
CA LEU A 197 10.80 4.80 -10.24
C LEU A 197 9.88 4.18 -11.25
N ASP A 198 9.13 3.19 -10.84
CA ASP A 198 8.31 2.49 -11.79
C ASP A 198 6.82 2.58 -11.62
N CYS A 199 6.38 2.87 -10.40
CA CYS A 199 4.93 2.87 -10.12
C CYS A 199 4.56 3.88 -9.03
N VAL A 200 3.25 4.16 -8.92
CA VAL A 200 2.78 5.10 -7.90
C VAL A 200 1.60 4.46 -7.24
N GLY A 201 1.61 4.42 -5.91
CA GLY A 201 0.53 3.80 -5.20
C GLY A 201 -0.35 4.83 -4.53
N PHE A 202 -1.64 4.55 -4.50
CA PHE A 202 -2.66 5.48 -3.95
C PHE A 202 -3.35 4.71 -2.84
N GLN A 203 -3.01 5.03 -1.61
CA GLN A 203 -3.56 4.32 -0.49
C GLN A 203 -5.07 4.13 -0.51
N SER A 204 -5.82 5.18 -0.80
CA SER A 204 -7.28 5.05 -0.84
C SER A 204 -7.98 4.68 0.47
N HIS A 205 -7.56 5.31 1.56
CA HIS A 205 -8.22 5.15 2.84
C HIS A 205 -9.31 6.23 2.74
N LEU A 206 -10.44 5.84 2.16
CA LEU A 206 -11.58 6.73 1.91
C LEU A 206 -12.71 6.68 2.97
N ILE A 207 -13.61 7.66 2.91
CA ILE A 207 -14.78 7.78 3.79
C ILE A 207 -15.97 7.45 2.92
N VAL A 208 -16.95 6.75 3.50
CA VAL A 208 -18.16 6.37 2.78
C VAL A 208 -18.90 7.59 2.24
N GLY A 209 -19.24 7.50 0.95
CA GLY A 209 -19.97 8.54 0.26
C GLY A 209 -19.06 9.67 -0.21
N GLN A 210 -17.76 9.54 0.02
CA GLN A 210 -16.79 10.56 -0.35
C GLN A 210 -15.65 10.18 -1.31
N VAL A 211 -15.96 9.40 -2.33
CA VAL A 211 -14.99 8.97 -3.32
C VAL A 211 -14.75 10.07 -4.38
N PRO A 212 -13.51 10.58 -4.49
CA PRO A 212 -13.17 11.63 -5.46
C PRO A 212 -13.73 11.36 -6.86
N GLY A 213 -14.49 12.32 -7.39
CA GLY A 213 -15.08 12.19 -8.71
C GLY A 213 -14.08 12.25 -9.86
N ASP A 214 -12.87 12.65 -9.57
CA ASP A 214 -11.86 12.73 -10.61
C ASP A 214 -10.76 11.66 -10.38
N PHE A 215 -11.13 10.57 -9.71
CA PHE A 215 -10.18 9.46 -9.43
C PHE A 215 -9.58 8.93 -10.74
N ARG A 216 -10.41 8.48 -11.66
CA ARG A 216 -9.95 7.97 -12.94
C ARG A 216 -9.04 8.97 -13.65
N GLN A 217 -9.50 10.21 -13.71
CA GLN A 217 -8.75 11.29 -14.36
C GLN A 217 -7.34 11.44 -13.83
N ASN A 218 -7.20 11.35 -12.50
CA ASN A 218 -5.94 11.48 -11.80
C ASN A 218 -5.00 10.26 -12.03
N LEU A 219 -5.55 9.05 -11.97
CA LEU A 219 -4.76 7.81 -12.19
C LEU A 219 -4.17 7.86 -13.60
N GLN A 220 -5.02 8.24 -14.56
CA GLN A 220 -4.63 8.38 -15.94
C GLN A 220 -3.53 9.37 -16.21
N ARG A 221 -3.52 10.50 -15.52
CA ARG A 221 -2.45 11.47 -15.79
C ARG A 221 -1.09 10.98 -15.29
N PHE A 222 -1.10 10.16 -14.24
CA PHE A 222 0.16 9.58 -13.69
C PHE A 222 0.62 8.50 -14.63
N ALA A 223 -0.32 7.73 -15.13
CA ALA A 223 -0.03 6.63 -16.05
C ALA A 223 0.61 7.20 -17.30
N ASP A 224 0.11 8.35 -17.74
CA ASP A 224 0.66 8.98 -18.94
C ASP A 224 2.10 9.39 -18.77
N LEU A 225 2.56 9.49 -17.53
CA LEU A 225 3.96 9.83 -17.32
C LEU A 225 4.86 8.63 -17.62
N GLY A 226 4.23 7.48 -17.84
CA GLY A 226 4.98 6.26 -18.12
C GLY A 226 5.31 5.47 -16.86
N VAL A 227 4.39 5.42 -15.90
CA VAL A 227 4.59 4.68 -14.67
C VAL A 227 3.32 3.88 -14.49
N ASP A 228 3.37 2.83 -13.68
CA ASP A 228 2.21 2.04 -13.44
C ASP A 228 1.61 2.64 -12.17
N VAL A 229 0.31 2.46 -11.98
CA VAL A 229 -0.33 2.95 -10.78
C VAL A 229 -1.09 1.81 -10.08
N ARG A 230 -1.29 1.93 -8.79
CA ARG A 230 -1.97 0.89 -8.06
C ARG A 230 -2.70 1.46 -6.88
N ILE A 231 -3.78 0.79 -6.51
CA ILE A 231 -4.53 1.21 -5.34
C ILE A 231 -4.00 0.35 -4.22
N THR A 232 -3.39 0.95 -3.23
CA THR A 232 -2.73 0.12 -2.24
C THR A 232 -3.21 -0.21 -0.85
N GLU A 233 -4.15 0.55 -0.29
CA GLU A 233 -4.58 0.27 1.07
C GLU A 233 -6.02 0.65 1.25
N LEU A 234 -6.80 0.26 0.28
CA LEU A 234 -8.23 0.49 0.20
C LEU A 234 -9.06 -0.04 1.33
N ASP A 235 -9.83 0.88 1.92
CA ASP A 235 -10.86 0.61 2.91
C ASP A 235 -11.69 1.92 2.88
N ILE A 236 -13.00 1.79 3.04
CA ILE A 236 -13.92 2.91 2.95
C ILE A 236 -14.70 2.86 4.25
N ARG A 237 -14.27 3.66 5.21
CA ARG A 237 -14.82 3.68 6.55
C ARG A 237 -16.12 4.48 6.76
N MET A 238 -16.82 4.20 7.85
CA MET A 238 -18.10 4.86 8.18
C MET A 238 -18.24 5.04 9.67
N ARG A 239 -19.29 5.77 10.06
CA ARG A 239 -19.55 5.95 11.47
C ARG A 239 -20.37 4.71 11.79
N THR A 240 -19.98 4.05 12.86
CA THR A 240 -20.63 2.83 13.28
C THR A 240 -21.71 3.22 14.28
N PRO A 241 -22.74 2.38 14.42
CA PRO A 241 -22.90 1.11 13.69
C PRO A 241 -23.23 1.31 12.22
N SER A 242 -23.07 0.25 11.45
CA SER A 242 -23.36 0.25 10.04
C SER A 242 -24.85 -0.03 9.92
N ASP A 243 -25.43 0.26 8.76
CA ASP A 243 -26.86 -0.04 8.56
C ASP A 243 -27.04 -0.33 7.09
N ALA A 244 -28.27 -0.66 6.70
CA ALA A 244 -28.55 -0.98 5.30
C ALA A 244 -28.17 0.11 4.31
N THR A 245 -28.35 1.38 4.66
CA THR A 245 -27.97 2.44 3.72
C THR A 245 -26.46 2.66 3.67
N LYS A 246 -25.82 2.70 4.83
CA LYS A 246 -24.37 2.87 4.89
C LYS A 246 -23.65 1.73 4.13
N LEU A 247 -24.18 0.51 4.20
CA LEU A 247 -23.58 -0.61 3.50
C LEU A 247 -23.81 -0.50 2.02
N ALA A 248 -24.99 -0.01 1.63
CA ALA A 248 -25.30 0.17 0.21
C ALA A 248 -24.40 1.23 -0.42
N THR A 249 -24.24 2.35 0.25
CA THR A 249 -23.38 3.41 -0.27
C THR A 249 -21.94 2.87 -0.40
N GLN A 250 -21.44 2.25 0.65
CA GLN A 250 -20.08 1.66 0.66
C GLN A 250 -19.95 0.70 -0.52
N ALA A 251 -20.97 -0.12 -0.79
CA ALA A 251 -20.88 -1.01 -1.95
C ALA A 251 -20.59 -0.15 -3.15
N ALA A 252 -21.48 0.79 -3.47
CA ALA A 252 -21.26 1.66 -4.61
C ALA A 252 -19.90 2.36 -4.59
N ASP A 253 -19.38 2.69 -3.42
CA ASP A 253 -18.07 3.33 -3.38
C ASP A 253 -16.97 2.34 -3.82
N TYR A 254 -17.09 1.09 -3.40
CA TYR A 254 -16.11 0.06 -3.78
C TYR A 254 -16.11 -0.13 -5.29
N LYS A 255 -17.30 -0.11 -5.87
CA LYS A 255 -17.49 -0.27 -7.30
C LYS A 255 -16.78 0.82 -8.08
N LYS A 256 -16.97 2.06 -7.64
CA LYS A 256 -16.36 3.21 -8.30
C LYS A 256 -14.83 3.14 -8.25
N VAL A 257 -14.27 2.82 -7.09
CA VAL A 257 -12.81 2.72 -6.98
C VAL A 257 -12.26 1.63 -7.91
N VAL A 258 -12.91 0.47 -7.95
CA VAL A 258 -12.41 -0.60 -8.79
C VAL A 258 -12.57 -0.27 -10.28
N GLN A 259 -13.66 0.39 -10.69
CA GLN A 259 -13.84 0.75 -12.10
C GLN A 259 -12.87 1.82 -12.55
N ALA A 260 -12.45 2.69 -11.64
CA ALA A 260 -11.49 3.72 -11.98
C ALA A 260 -10.24 2.99 -12.43
N CYS A 261 -9.88 1.97 -11.64
CA CYS A 261 -8.69 1.15 -11.95
C CYS A 261 -8.87 0.39 -13.25
N MET A 262 -10.01 -0.29 -13.42
CA MET A 262 -10.28 -1.02 -14.65
C MET A 262 -10.21 -0.15 -15.91
N GLN A 263 -10.43 1.15 -15.74
CA GLN A 263 -10.45 2.06 -16.87
C GLN A 263 -9.13 2.69 -17.26
N VAL A 264 -8.09 2.43 -16.48
CA VAL A 264 -6.75 2.97 -16.74
C VAL A 264 -5.90 1.74 -17.04
N THR A 265 -5.52 1.54 -18.30
CA THR A 265 -4.74 0.34 -18.66
C THR A 265 -3.55 -0.04 -17.78
N ARG A 266 -2.85 0.95 -17.24
CA ARG A 266 -1.69 0.70 -16.40
C ARG A 266 -1.98 0.58 -14.93
N CYS A 267 -3.26 0.50 -14.57
CA CYS A 267 -3.60 0.34 -13.17
C CYS A 267 -3.42 -1.17 -12.96
N GLN A 268 -2.45 -1.53 -12.14
CA GLN A 268 -2.12 -2.95 -11.88
C GLN A 268 -3.16 -3.74 -11.14
N GLY A 269 -3.89 -3.08 -10.25
CA GLY A 269 -4.93 -3.72 -9.50
C GLY A 269 -5.21 -2.97 -8.20
N VAL A 270 -5.94 -3.64 -7.31
CA VAL A 270 -6.37 -3.10 -6.03
C VAL A 270 -6.06 -4.02 -4.85
N THR A 271 -5.54 -3.44 -3.78
CA THR A 271 -5.22 -4.12 -2.54
C THR A 271 -6.02 -3.55 -1.41
N VAL A 272 -6.85 -4.37 -0.80
CA VAL A 272 -7.65 -3.88 0.34
C VAL A 272 -6.82 -4.03 1.63
N TRP A 273 -7.01 -3.13 2.61
CA TRP A 273 -6.21 -3.17 3.82
C TRP A 273 -6.75 -4.08 4.91
N GLY A 274 -6.83 -5.36 4.57
CA GLY A 274 -7.28 -6.34 5.56
C GLY A 274 -8.36 -7.18 4.94
N ILE A 275 -8.88 -8.13 5.71
CA ILE A 275 -9.92 -8.98 5.24
C ILE A 275 -11.23 -8.71 5.92
N THR A 276 -11.21 -8.69 7.23
CA THR A 276 -12.43 -8.53 7.98
C THR A 276 -12.41 -7.32 8.89
N ASP A 277 -13.59 -6.75 9.11
CA ASP A 277 -13.73 -5.61 9.99
C ASP A 277 -13.19 -5.84 11.39
N LYS A 278 -13.23 -7.06 11.89
CA LYS A 278 -12.73 -7.26 13.24
C LYS A 278 -11.28 -7.02 13.54
N TYR A 279 -10.41 -6.98 12.54
CA TYR A 279 -8.99 -6.72 12.77
C TYR A 279 -8.54 -5.42 12.06
N SER A 280 -9.51 -4.64 11.61
CA SER A 280 -9.24 -3.40 10.89
C SER A 280 -8.54 -2.37 11.76
N TRP A 281 -7.56 -1.67 11.18
CA TRP A 281 -6.84 -0.66 11.93
C TRP A 281 -7.68 0.60 12.22
N VAL A 282 -8.79 0.76 11.52
CA VAL A 282 -9.60 1.98 11.65
C VAL A 282 -10.07 2.43 13.04
N PRO A 283 -10.77 1.56 13.80
CA PRO A 283 -11.24 1.96 15.14
C PRO A 283 -10.19 2.41 16.14
N ASP A 284 -8.94 2.03 15.92
CA ASP A 284 -7.87 2.39 16.84
C ASP A 284 -7.33 3.80 16.57
N VAL A 285 -7.57 4.29 15.37
CA VAL A 285 -7.09 5.61 14.97
C VAL A 285 -8.25 6.62 14.98
N PHE A 286 -9.35 6.24 14.33
CA PHE A 286 -10.53 7.08 14.24
C PHE A 286 -11.63 6.52 15.13
N PRO A 287 -11.56 6.73 16.45
CA PRO A 287 -12.61 6.17 17.29
C PRO A 287 -13.98 6.60 16.77
N GLY A 288 -14.94 5.68 16.84
CA GLY A 288 -16.27 5.96 16.36
C GLY A 288 -16.50 5.57 14.91
N GLU A 289 -15.43 5.31 14.16
CA GLU A 289 -15.56 4.91 12.76
C GLU A 289 -15.12 3.45 12.57
N GLY A 290 -15.57 2.82 11.50
CA GLY A 290 -15.21 1.44 11.27
C GLY A 290 -15.92 0.82 10.09
N ALA A 291 -16.23 -0.47 10.24
CA ALA A 291 -16.89 -1.28 9.21
C ALA A 291 -16.44 -0.97 7.79
N ALA A 292 -15.13 -0.79 7.63
CA ALA A 292 -14.52 -0.39 6.35
C ALA A 292 -14.10 -1.45 5.33
N LEU A 293 -14.08 -2.70 5.76
CA LEU A 293 -13.64 -3.77 4.87
C LEU A 293 -14.75 -4.54 4.17
N VAL A 294 -14.37 -5.51 3.33
CA VAL A 294 -15.31 -6.30 2.57
C VAL A 294 -16.02 -7.41 3.34
N TRP A 295 -15.46 -7.86 4.48
CA TRP A 295 -16.10 -8.91 5.29
C TRP A 295 -16.36 -8.30 6.64
N ASP A 296 -17.51 -8.59 7.23
CA ASP A 296 -17.76 -8.05 8.56
C ASP A 296 -17.02 -8.88 9.58
N ALA A 297 -17.19 -8.52 10.85
CA ALA A 297 -16.51 -9.20 11.96
C ALA A 297 -16.90 -10.66 12.21
N SER A 298 -17.95 -11.13 11.54
CA SER A 298 -18.41 -12.51 11.64
C SER A 298 -17.99 -13.24 10.39
N TYR A 299 -17.17 -12.60 9.56
CA TYR A 299 -16.72 -13.17 8.32
C TYR A 299 -17.83 -13.32 7.28
N ALA A 300 -18.88 -12.53 7.45
CA ALA A 300 -19.94 -12.54 6.45
C ALA A 300 -19.60 -11.49 5.43
N LYS A 301 -19.95 -11.76 4.17
CA LYS A 301 -19.67 -10.85 3.09
C LYS A 301 -20.65 -9.67 3.18
N LYS A 302 -20.13 -8.48 3.00
CA LYS A 302 -20.98 -7.30 3.04
C LYS A 302 -21.31 -7.05 1.58
N PRO A 303 -22.29 -6.16 1.28
CA PRO A 303 -22.65 -5.87 -0.11
C PRO A 303 -21.47 -5.45 -0.98
N ALA A 304 -20.42 -4.93 -0.35
CA ALA A 304 -19.22 -4.52 -1.07
C ALA A 304 -18.63 -5.70 -1.84
N TYR A 305 -18.71 -6.89 -1.25
CA TYR A 305 -18.16 -8.08 -1.91
C TYR A 305 -18.69 -8.18 -3.34
N ALA A 306 -20.01 -8.08 -3.49
CA ALA A 306 -20.61 -8.20 -4.82
C ALA A 306 -20.35 -7.02 -5.76
N ALA A 307 -20.10 -5.85 -5.19
CA ALA A 307 -19.80 -4.64 -5.98
C ALA A 307 -18.45 -4.82 -6.67
N VAL A 308 -17.46 -5.24 -5.90
CA VAL A 308 -16.10 -5.46 -6.44
C VAL A 308 -16.14 -6.52 -7.56
N MET A 309 -16.91 -7.58 -7.34
CA MET A 309 -17.06 -8.65 -8.31
C MET A 309 -17.54 -8.05 -9.63
N GLU A 310 -18.53 -7.15 -9.57
CA GLU A 310 -19.08 -6.47 -10.75
C GLU A 310 -18.12 -5.53 -11.42
N ALA A 311 -17.33 -4.81 -10.65
CA ALA A 311 -16.40 -3.87 -11.22
C ALA A 311 -15.28 -4.52 -12.03
N PHE A 312 -14.90 -5.74 -11.62
CA PHE A 312 -13.85 -6.50 -12.30
C PHE A 312 -14.23 -7.05 -13.68
C1 G2F B . -1.07 2.53 5.03
C2 G2F B . 0.37 2.46 5.49
C3 G2F B . 0.34 1.24 6.42
C4 G2F B . -0.63 1.49 7.61
C5 G2F B . -2.01 1.84 7.09
C6 G2F B . -2.99 2.27 8.16
O3 G2F B . 1.63 0.94 6.89
O4 G2F B . -0.69 0.29 8.38
O5 G2F B . -1.90 2.92 6.12
O6 G2F B . -2.34 3.04 9.17
F2 G2F B . 1.49 2.92 4.82
C2 BGC B . -1.22 -0.91 10.30
C3 BGC B . -1.25 -0.86 11.81
C4 BGC B . 0.06 -0.29 12.33
C5 BGC B . 0.33 1.07 11.67
C6 BGC B . 1.71 1.66 12.07
C1 BGC B . -0.93 0.46 9.74
O2 BGC B . -2.48 -1.39 9.81
O3 BGC B . -1.47 -2.16 12.36
O4 BGC B . -0.02 -0.15 13.76
O5 BGC B . 0.32 0.96 10.23
O6 BGC B . 2.80 0.85 11.62
#